data_6U65
#
_entry.id   6U65
#
_cell.length_a   69.712
_cell.length_b   85.223
_cell.length_c   109.753
_cell.angle_alpha   90.000
_cell.angle_beta   90.000
_cell.angle_gamma   90.000
#
_symmetry.space_group_name_H-M   'P 21 21 21'
#
loop_
_entity.id
_entity.type
_entity.pdbx_description
1 polymer 'Induced myeloid leukemia cell differentiation protein Mcl-1'
2 non-polymer '2-[({4-[(4-fluorophenyl)methyl]piperazin-1-yl}sulfonyl)amino]-5-[(2-phenylethyl)sulfanyl]benzoic acid'
3 non-polymer 1,2-ETHANEDIOL
4 non-polymer 'ACETATE ION'
5 non-polymer DI(HYDROXYETHYL)ETHER
6 water water
#
_entity_poly.entity_id   1
_entity_poly.type   'polypeptide(L)'
_entity_poly.pdbx_seq_one_letter_code
;SNAEDELYRQSLEIISRYLREQATGAKDTKPMGRSGATSRKALETLRRVGDGVQRNHETAFQGMLRKLDIKNEDDVKSLS
RVMIHVFSDGVTNWGRIVTLISFGAFVAKHLKTINQESCIEPLAESITDVLVRTKRDWLVKQRGWDGFVEFFHVED
;
_entity_poly.pdbx_strand_id   A,B,C,D
#
# COMPACT_ATOMS: atom_id res chain seq x y z
N ASP A 5 19.44 24.89 -28.89
CA ASP A 5 20.11 24.70 -27.62
C ASP A 5 20.31 23.18 -27.42
N GLU A 6 21.49 22.68 -27.81
CA GLU A 6 21.83 21.25 -27.78
C GLU A 6 21.80 20.67 -26.36
N LEU A 7 22.30 21.41 -25.36
CA LEU A 7 22.28 20.93 -23.98
C LEU A 7 20.84 20.82 -23.46
N TYR A 8 19.96 21.81 -23.79
CA TYR A 8 18.54 21.73 -23.42
C TYR A 8 17.90 20.53 -24.12
N ARG A 9 18.16 20.38 -25.44
CA ARG A 9 17.57 19.31 -26.24
C ARG A 9 17.92 17.95 -25.66
N GLN A 10 19.21 17.69 -25.40
CA GLN A 10 19.69 16.41 -24.86
C GLN A 10 19.15 16.16 -23.46
N SER A 11 19.21 17.17 -22.58
CA SER A 11 18.71 17.07 -21.19
C SER A 11 17.21 16.73 -21.18
N LEU A 12 16.40 17.35 -22.07
CA LEU A 12 14.96 17.11 -22.16
C LEU A 12 14.70 15.69 -22.59
N GLU A 13 15.45 15.18 -23.59
CA GLU A 13 15.27 13.79 -24.05
C GLU A 13 15.41 12.82 -22.89
N ILE A 14 16.50 12.97 -22.14
CA ILE A 14 16.82 12.09 -21.03
C ILE A 14 15.79 12.22 -19.92
N ILE A 15 15.50 13.47 -19.48
CA ILE A 15 14.62 13.71 -18.33
C ILE A 15 13.17 13.32 -18.66
N SER A 16 12.64 13.70 -19.85
CA SER A 16 11.26 13.34 -20.19
C SER A 16 11.10 11.83 -20.34
N ARG A 17 12.07 11.15 -20.97
CA ARG A 17 11.98 9.68 -21.10
C ARG A 17 11.99 9.01 -19.72
N TYR A 18 12.89 9.43 -18.82
CA TYR A 18 12.94 8.86 -17.48
C TYR A 18 11.62 9.07 -16.74
N LEU A 19 11.12 10.31 -16.71
CA LEU A 19 9.86 10.60 -15.99
C LEU A 19 8.67 9.80 -16.58
N ARG A 20 8.65 9.57 -17.91
CA ARG A 20 7.58 8.79 -18.56
C ARG A 20 7.69 7.32 -18.20
N GLU A 21 8.91 6.76 -18.22
CA GLU A 21 9.16 5.37 -17.84
C GLU A 21 8.74 5.11 -16.41
N GLN A 22 9.11 6.03 -15.52
CA GLN A 22 8.77 5.90 -14.10
C GLN A 22 7.29 5.99 -13.85
N ALA A 23 6.60 6.90 -14.54
CA ALA A 23 5.16 7.12 -14.30
C ALA A 23 4.29 6.06 -14.94
N THR A 24 4.63 5.63 -16.18
CA THR A 24 3.78 4.74 -16.97
C THR A 24 4.32 3.33 -17.16
N GLY A 25 5.64 3.17 -17.06
CA GLY A 25 6.27 1.87 -17.28
C GLY A 25 6.55 1.61 -18.75
N ALA A 26 6.14 2.52 -19.64
CA ALA A 26 6.36 2.39 -21.08
C ALA A 26 7.75 2.89 -21.49
N LYS A 27 8.35 2.25 -22.51
CA LYS A 27 9.67 2.65 -23.00
C LYS A 27 9.57 3.33 -24.36
N ASP A 28 10.27 4.46 -24.51
CA ASP A 28 10.26 5.21 -25.77
C ASP A 28 11.19 4.52 -26.76
N THR A 29 10.64 4.09 -27.90
CA THR A 29 11.39 3.38 -28.94
C THR A 29 12.00 4.34 -29.96
N LYS A 30 11.57 5.63 -29.93
CA LYS A 30 12.04 6.64 -30.88
C LYS A 30 13.53 6.96 -30.69
N PRO A 31 14.29 7.14 -31.82
CA PRO A 31 15.72 7.46 -31.69
C PRO A 31 15.97 8.78 -30.96
N MET A 32 17.11 8.89 -30.29
CA MET A 32 17.47 10.04 -29.48
C MET A 32 18.29 11.12 -30.18
N GLY A 33 18.70 10.88 -31.42
CA GLY A 33 19.49 11.85 -32.17
C GLY A 33 20.89 12.08 -31.64
N ARG A 34 21.49 13.26 -31.96
CA ARG A 34 22.84 13.69 -31.57
C ARG A 34 23.20 13.32 -30.12
N SER A 35 24.40 12.70 -29.92
CA SER A 35 24.95 12.22 -28.64
C SER A 35 24.04 11.12 -28.03
N GLY A 36 23.41 10.34 -28.90
CA GLY A 36 22.49 9.25 -28.58
C GLY A 36 23.02 8.20 -27.64
N ALA A 37 24.30 7.75 -27.84
CA ALA A 37 24.97 6.76 -26.99
C ALA A 37 25.04 7.26 -25.53
N THR A 38 25.49 8.52 -25.35
CA THR A 38 25.60 9.13 -24.02
C THR A 38 24.21 9.33 -23.40
N SER A 39 23.22 9.74 -24.21
CA SER A 39 21.84 9.92 -23.73
C SER A 39 21.26 8.61 -23.25
N ARG A 40 21.47 7.53 -24.03
CA ARG A 40 20.98 6.21 -23.64
C ARG A 40 21.67 5.76 -22.34
N LYS A 41 22.99 5.99 -22.22
CA LYS A 41 23.76 5.65 -21.02
C LYS A 41 23.28 6.46 -19.81
N ALA A 42 22.93 7.74 -20.00
CA ALA A 42 22.41 8.61 -18.92
C ALA A 42 21.03 8.11 -18.45
N LEU A 43 20.16 7.71 -19.38
CA LEU A 43 18.85 7.17 -19.06
C LEU A 43 19.00 5.82 -18.30
N GLU A 44 19.92 4.94 -18.77
CA GLU A 44 20.25 3.67 -18.08
C GLU A 44 20.73 3.95 -16.63
N THR A 45 21.60 4.97 -16.46
CA THR A 45 22.12 5.43 -15.17
C THR A 45 20.97 5.88 -14.24
N LEU A 46 20.02 6.66 -14.78
CA LEU A 46 18.86 7.12 -14.05
C LEU A 46 17.98 5.97 -13.57
N ARG A 47 17.82 4.92 -14.40
CA ARG A 47 17.03 3.74 -14.01
C ARG A 47 17.61 3.08 -12.75
N ARG A 48 18.95 2.99 -12.66
CA ARG A 48 19.62 2.37 -11.51
C ARG A 48 19.70 3.34 -10.31
N VAL A 49 20.31 4.51 -10.46
CA VAL A 49 20.51 5.47 -9.36
C VAL A 49 19.16 6.08 -8.89
N GLY A 50 18.31 6.47 -9.83
CA GLY A 50 17.02 7.11 -9.57
C GLY A 50 16.04 6.30 -8.75
N ASP A 51 15.93 5.00 -9.02
CA ASP A 51 15.06 4.08 -8.27
C ASP A 51 15.46 4.05 -6.79
N GLY A 52 16.76 3.88 -6.54
CA GLY A 52 17.32 3.84 -5.19
C GLY A 52 17.21 5.18 -4.48
N VAL A 53 17.34 6.30 -5.23
CA VAL A 53 17.23 7.64 -4.61
C VAL A 53 15.80 7.82 -4.09
N GLN A 54 14.76 7.46 -4.88
CA GLN A 54 13.35 7.58 -4.49
C GLN A 54 13.07 6.70 -3.25
N ARG A 55 13.64 5.47 -3.17
CA ARG A 55 13.48 4.61 -1.99
C ARG A 55 14.21 5.23 -0.77
N ASN A 56 15.47 5.66 -0.95
CA ASN A 56 16.26 6.26 0.14
C ASN A 56 15.64 7.56 0.72
N HIS A 57 15.12 8.44 -0.14
CA HIS A 57 14.53 9.72 0.24
C HIS A 57 13.02 9.68 0.33
N GLU A 58 12.40 8.47 0.46
CA GLU A 58 10.94 8.33 0.43
C GLU A 58 10.18 9.23 1.41
N THR A 59 10.56 9.24 2.68
CA THR A 59 9.88 10.06 3.71
C THR A 59 9.86 11.55 3.33
N ALA A 60 11.05 12.15 3.06
CA ALA A 60 11.14 13.57 2.66
C ALA A 60 10.41 13.82 1.34
N PHE A 61 10.47 12.88 0.39
CA PHE A 61 9.81 13.03 -0.93
C PHE A 61 8.28 13.09 -0.76
N GLN A 62 7.73 12.18 0.09
CA GLN A 62 6.30 12.17 0.43
CA GLN A 62 6.29 12.21 0.36
C GLN A 62 5.91 13.53 1.04
N GLY A 63 6.73 14.02 1.97
CA GLY A 63 6.50 15.30 2.65
C GLY A 63 6.53 16.48 1.69
N MET A 64 7.57 16.52 0.85
CA MET A 64 7.71 17.60 -0.15
C MET A 64 6.56 17.57 -1.16
N LEU A 65 6.18 16.38 -1.63
CA LEU A 65 5.07 16.20 -2.56
C LEU A 65 3.78 16.73 -1.96
N ARG A 66 3.48 16.36 -0.68
CA ARG A 66 2.28 16.78 0.01
C ARG A 66 2.23 18.32 0.16
N LYS A 67 3.35 18.95 0.51
CA LYS A 67 3.41 20.42 0.63
C LYS A 67 3.15 21.10 -0.72
N LEU A 68 3.65 20.52 -1.83
CA LEU A 68 3.45 21.13 -3.14
C LEU A 68 1.98 21.04 -3.57
N ASP A 69 1.23 20.01 -3.07
CA ASP A 69 -0.22 19.81 -3.30
C ASP A 69 -0.57 19.99 -4.80
N ILE A 70 0.03 19.13 -5.63
CA ILE A 70 -0.15 19.14 -7.08
C ILE A 70 -1.38 18.32 -7.45
N LYS A 71 -2.36 18.93 -8.11
CA LYS A 71 -3.57 18.18 -8.51
C LYS A 71 -3.99 18.45 -9.95
N ASN A 72 -3.30 19.39 -10.65
CA ASN A 72 -3.63 19.74 -12.04
C ASN A 72 -2.47 20.49 -12.72
N GLU A 73 -2.68 20.89 -14.01
CA GLU A 73 -1.71 21.61 -14.85
C GLU A 73 -1.28 22.95 -14.25
N ASP A 74 -2.24 23.73 -13.70
CA ASP A 74 -1.95 25.03 -13.09
C ASP A 74 -0.97 24.88 -11.91
N ASP A 75 -1.12 23.82 -11.10
CA ASP A 75 -0.19 23.55 -9.99
C ASP A 75 1.20 23.17 -10.55
N VAL A 76 1.24 22.40 -11.67
CA VAL A 76 2.50 22.02 -12.31
C VAL A 76 3.23 23.29 -12.83
N LYS A 77 2.50 24.26 -13.43
CA LYS A 77 3.07 25.50 -13.98
C LYS A 77 3.75 26.35 -12.92
N SER A 78 3.24 26.31 -11.66
CA SER A 78 3.79 27.08 -10.55
C SER A 78 5.04 26.43 -9.94
N LEU A 79 5.40 25.18 -10.35
CA LEU A 79 6.59 24.48 -9.82
C LEU A 79 7.89 25.11 -10.27
N SER A 80 7.95 25.67 -11.49
CA SER A 80 9.17 26.31 -12.04
C SER A 80 9.72 27.36 -11.08
N ARG A 81 8.86 28.28 -10.60
CA ARG A 81 9.29 29.33 -9.65
C ARG A 81 9.86 28.70 -8.35
N VAL A 82 9.22 27.62 -7.84
CA VAL A 82 9.67 26.92 -6.63
C VAL A 82 11.04 26.31 -6.87
N MET A 83 11.23 25.59 -8.01
CA MET A 83 12.51 24.97 -8.33
C MET A 83 13.60 26.00 -8.52
N ILE A 84 13.32 27.10 -9.23
CA ILE A 84 14.31 28.19 -9.43
C ILE A 84 14.73 28.75 -8.06
N HIS A 85 13.76 29.02 -7.16
CA HIS A 85 14.06 29.55 -5.82
C HIS A 85 14.90 28.58 -5.01
N VAL A 86 14.59 27.28 -5.00
CA VAL A 86 15.40 26.40 -4.15
C VAL A 86 16.72 25.96 -4.86
N PHE A 87 16.69 25.64 -6.16
CA PHE A 87 17.85 25.05 -6.82
C PHE A 87 18.96 26.02 -7.25
N SER A 88 18.70 27.34 -7.29
CA SER A 88 19.71 28.29 -7.76
C SER A 88 20.88 28.46 -6.80
N ASP A 89 20.63 28.44 -5.49
CA ASP A 89 21.65 28.66 -4.46
C ASP A 89 22.32 27.36 -4.02
N GLY A 90 23.41 27.49 -3.27
CA GLY A 90 24.16 26.36 -2.75
C GLY A 90 25.09 25.70 -3.73
N VAL A 91 25.88 24.75 -3.22
CA VAL A 91 26.87 24.09 -4.05
C VAL A 91 26.17 23.02 -4.89
N THR A 92 26.57 22.92 -6.14
CA THR A 92 26.05 21.94 -7.07
C THR A 92 26.94 20.72 -7.05
N ASN A 93 26.33 19.55 -7.14
CA ASN A 93 27.05 18.30 -7.25
C ASN A 93 26.12 17.34 -7.99
N TRP A 94 26.67 16.22 -8.47
CA TRP A 94 25.86 15.25 -9.20
C TRP A 94 24.76 14.64 -8.33
N GLY A 95 24.99 14.56 -7.01
CA GLY A 95 24.02 14.05 -6.05
C GLY A 95 22.78 14.90 -6.03
N ARG A 96 22.98 16.22 -5.99
CA ARG A 96 21.88 17.18 -6.03
C ARG A 96 21.08 17.11 -7.34
N ILE A 97 21.76 16.98 -8.48
CA ILE A 97 21.13 16.89 -9.82
C ILE A 97 20.34 15.59 -9.96
N VAL A 98 20.93 14.43 -9.60
CA VAL A 98 20.17 13.16 -9.72
C VAL A 98 18.93 13.17 -8.76
N THR A 99 19.04 13.82 -7.59
CA THR A 99 17.95 13.82 -6.60
C THR A 99 16.82 14.77 -7.09
N LEU A 100 17.17 15.90 -7.75
CA LEU A 100 16.18 16.76 -8.41
C LEU A 100 15.37 15.95 -9.44
N ILE A 101 16.08 15.22 -10.30
CA ILE A 101 15.45 14.41 -11.35
C ILE A 101 14.67 13.27 -10.70
N SER A 102 15.23 12.63 -9.65
CA SER A 102 14.51 11.51 -9.00
C SER A 102 13.21 12.00 -8.33
N PHE A 103 13.20 13.21 -7.77
CA PHE A 103 11.99 13.82 -7.19
C PHE A 103 10.99 14.10 -8.32
N GLY A 104 11.50 14.52 -9.48
CA GLY A 104 10.64 14.72 -10.64
C GLY A 104 9.92 13.44 -11.03
N ALA A 105 10.64 12.29 -10.99
CA ALA A 105 10.07 10.96 -11.28
C ALA A 105 9.02 10.60 -10.22
N PHE A 106 9.26 10.98 -8.94
CA PHE A 106 8.32 10.75 -7.82
C PHE A 106 7.03 11.55 -8.04
N VAL A 107 7.16 12.82 -8.48
CA VAL A 107 6.00 13.67 -8.80
C VAL A 107 5.28 13.09 -10.03
N ALA A 108 6.03 12.66 -11.08
CA ALA A 108 5.43 12.06 -12.28
C ALA A 108 4.59 10.82 -11.91
N LYS A 109 5.07 9.96 -10.99
CA LYS A 109 4.28 8.80 -10.54
C LYS A 109 2.98 9.27 -9.88
N HIS A 110 3.06 10.34 -9.05
CA HIS A 110 1.88 10.93 -8.42
C HIS A 110 0.93 11.46 -9.51
N LEU A 111 1.45 12.12 -10.57
CA LEU A 111 0.59 12.62 -11.64
C LEU A 111 -0.17 11.48 -12.32
N LYS A 112 0.47 10.31 -12.53
CA LYS A 112 -0.22 9.16 -13.13
C LYS A 112 -1.32 8.64 -12.18
N THR A 113 -1.03 8.55 -10.87
CA THR A 113 -1.98 8.07 -9.85
C THR A 113 -3.28 8.92 -9.84
N ILE A 114 -3.15 10.25 -10.06
CA ILE A 114 -4.33 11.13 -10.03
C ILE A 114 -4.89 11.40 -11.44
N ASN A 115 -4.49 10.57 -12.42
CA ASN A 115 -4.99 10.63 -13.80
C ASN A 115 -4.69 12.01 -14.43
N GLN A 116 -3.50 12.53 -14.18
CA GLN A 116 -3.06 13.79 -14.79
C GLN A 116 -1.81 13.51 -15.63
N GLU A 117 -1.82 12.41 -16.42
CA GLU A 117 -0.67 12.05 -17.27
C GLU A 117 -0.25 13.18 -18.22
N SER A 118 -1.22 14.02 -18.68
CA SER A 118 -0.95 15.16 -19.59
C SER A 118 -0.04 16.23 -18.94
N CYS A 119 0.18 16.15 -17.61
CA CYS A 119 1.06 17.11 -16.91
C CYS A 119 2.51 16.61 -16.86
N ILE A 120 2.80 15.35 -17.28
CA ILE A 120 4.15 14.79 -17.15
C ILE A 120 5.15 15.50 -18.06
N GLU A 121 4.80 15.73 -19.35
CA GLU A 121 5.66 16.44 -20.30
C GLU A 121 5.91 17.88 -19.83
N PRO A 122 4.90 18.72 -19.46
CA PRO A 122 5.18 20.06 -18.87
C PRO A 122 6.11 20.03 -17.63
N LEU A 123 5.94 19.02 -16.75
CA LEU A 123 6.82 18.88 -15.59
C LEU A 123 8.27 18.57 -16.04
N ALA A 124 8.45 17.64 -17.00
CA ALA A 124 9.81 17.32 -17.51
C ALA A 124 10.45 18.55 -18.15
N GLU A 125 9.67 19.34 -18.89
CA GLU A 125 10.15 20.56 -19.54
C GLU A 125 10.60 21.60 -18.48
N SER A 126 9.80 21.73 -17.42
CA SER A 126 10.05 22.66 -16.33
C SER A 126 11.33 22.28 -15.53
N ILE A 127 11.54 20.99 -15.24
CA ILE A 127 12.73 20.49 -14.54
C ILE A 127 13.98 20.74 -15.40
N THR A 128 13.91 20.38 -16.70
CA THR A 128 15.00 20.57 -17.68
C THR A 128 15.38 22.04 -17.75
N ASP A 129 14.37 22.91 -17.88
CA ASP A 129 14.56 24.35 -17.97
C ASP A 129 15.31 24.89 -16.75
N VAL A 130 14.93 24.47 -15.54
CA VAL A 130 15.60 24.96 -14.34
C VAL A 130 17.02 24.38 -14.26
N LEU A 131 17.20 23.07 -14.57
CA LEU A 131 18.52 22.47 -14.53
C LEU A 131 19.48 23.20 -15.49
N VAL A 132 19.06 23.40 -16.74
CA VAL A 132 19.95 23.98 -17.72
C VAL A 132 20.14 25.50 -17.49
N ARG A 133 19.05 26.26 -17.21
CA ARG A 133 19.15 27.70 -17.01
C ARG A 133 19.91 28.08 -15.73
N THR A 134 19.95 27.20 -14.71
CA THR A 134 20.66 27.58 -13.48
C THR A 134 22.04 26.93 -13.38
N LYS A 135 22.25 25.75 -14.05
CA LYS A 135 23.51 25.02 -13.91
C LYS A 135 24.28 24.87 -15.21
N ARG A 136 23.97 25.60 -16.29
CA ARG A 136 24.75 25.43 -17.53
C ARG A 136 26.25 25.57 -17.27
N ASP A 137 26.67 26.61 -16.52
CA ASP A 137 28.08 26.87 -16.30
C ASP A 137 28.78 25.64 -15.65
N TRP A 138 28.18 25.08 -14.59
CA TRP A 138 28.68 23.93 -13.82
C TRP A 138 28.67 22.67 -14.72
N LEU A 139 27.61 22.50 -15.53
CA LEU A 139 27.48 21.38 -16.47
C LEU A 139 28.56 21.43 -17.57
N VAL A 140 28.91 22.62 -18.07
CA VAL A 140 30.05 22.76 -19.03
C VAL A 140 31.38 22.29 -18.36
N LYS A 141 31.62 22.75 -17.13
CA LYS A 141 32.84 22.40 -16.38
C LYS A 141 32.92 20.88 -16.12
N GLN A 142 31.78 20.24 -15.84
CA GLN A 142 31.69 18.83 -15.46
C GLN A 142 31.44 17.89 -16.64
N ARG A 143 31.50 18.43 -17.88
CA ARG A 143 31.35 17.70 -19.15
C ARG A 143 29.95 17.11 -19.34
N GLY A 144 28.93 17.83 -18.86
CA GLY A 144 27.52 17.46 -19.08
C GLY A 144 27.15 16.04 -18.78
N TRP A 145 26.37 15.41 -19.68
CA TRP A 145 25.86 14.06 -19.50
C TRP A 145 26.96 12.98 -19.59
N ASP A 146 28.14 13.27 -20.18
CA ASP A 146 29.29 12.36 -20.15
C ASP A 146 29.83 12.29 -18.73
N GLY A 147 29.93 13.45 -18.08
CA GLY A 147 30.34 13.53 -16.68
C GLY A 147 29.37 12.79 -15.74
N PHE A 148 28.06 12.95 -15.98
CA PHE A 148 27.01 12.26 -15.21
C PHE A 148 27.16 10.73 -15.29
N VAL A 149 27.32 10.18 -16.51
CA VAL A 149 27.46 8.73 -16.77
C VAL A 149 28.71 8.20 -16.08
N GLU A 150 29.84 8.93 -16.18
CA GLU A 150 31.10 8.51 -15.57
C GLU A 150 31.04 8.48 -14.05
N PHE A 151 30.46 9.55 -13.45
CA PHE A 151 30.35 9.68 -11.99
C PHE A 151 29.56 8.53 -11.35
N PHE A 152 28.48 8.06 -11.98
CA PHE A 152 27.64 7.01 -11.41
C PHE A 152 27.91 5.62 -12.01
N HIS A 153 28.99 5.49 -12.80
CA HIS A 153 29.37 4.20 -13.41
C HIS A 153 29.77 3.17 -12.34
N VAL A 154 29.21 1.95 -12.45
CA VAL A 154 29.47 0.81 -11.56
C VAL A 154 29.47 -0.53 -12.31
N ASP B 5 5.08 16.32 33.00
CA ASP B 5 4.51 15.45 31.97
C ASP B 5 5.50 14.35 31.62
N GLU B 6 5.08 13.09 31.89
CA GLU B 6 5.89 11.90 31.75
C GLU B 6 6.25 11.62 30.29
N LEU B 7 5.30 11.78 29.34
CA LEU B 7 5.59 11.54 27.92
C LEU B 7 6.70 12.50 27.43
N TYR B 8 6.63 13.78 27.83
CA TYR B 8 7.62 14.78 27.47
C TYR B 8 9.00 14.42 28.09
N ARG B 9 9.06 14.11 29.40
CA ARG B 9 10.28 13.76 30.13
C ARG B 9 10.97 12.55 29.50
N GLN B 10 10.19 11.50 29.18
CA GLN B 10 10.76 10.30 28.55
C GLN B 10 11.28 10.63 27.13
N SER B 11 10.46 11.33 26.34
CA SER B 11 10.82 11.68 24.96
C SER B 11 12.07 12.55 24.95
N LEU B 12 12.16 13.51 25.89
CA LEU B 12 13.34 14.39 25.99
C LEU B 12 14.59 13.58 26.31
N GLU B 13 14.52 12.63 27.26
CA GLU B 13 15.68 11.77 27.59
C GLU B 13 16.21 11.06 26.35
N ILE B 14 15.34 10.42 25.57
CA ILE B 14 15.73 9.67 24.35
C ILE B 14 16.30 10.61 23.25
N ILE B 15 15.58 11.68 22.91
CA ILE B 15 15.94 12.60 21.81
C ILE B 15 17.18 13.40 22.20
N SER B 16 17.24 13.94 23.44
CA SER B 16 18.40 14.70 23.89
C SER B 16 19.69 13.85 23.86
N ARG B 17 19.61 12.57 24.28
CA ARG B 17 20.78 11.69 24.28
C ARG B 17 21.25 11.38 22.86
N TYR B 18 20.31 11.09 21.93
CA TYR B 18 20.70 10.79 20.56
C TYR B 18 21.37 12.00 19.89
N LEU B 19 20.81 13.22 20.09
CA LEU B 19 21.40 14.43 19.53
C LEU B 19 22.76 14.73 20.15
N ARG B 20 22.88 14.60 21.49
CA ARG B 20 24.16 14.86 22.16
C ARG B 20 25.26 13.89 21.69
N GLU B 21 24.93 12.62 21.41
CA GLU B 21 25.89 11.64 20.89
C GLU B 21 26.54 12.10 19.56
N GLN B 22 25.88 13.01 18.80
CA GLN B 22 26.41 13.55 17.53
C GLN B 22 27.63 14.44 17.79
N ALA B 23 27.74 14.99 19.00
CA ALA B 23 28.82 15.87 19.42
C ALA B 23 29.85 15.13 20.27
N THR B 24 29.39 14.26 21.17
CA THR B 24 30.30 13.57 22.09
C THR B 24 30.91 12.30 21.49
N GLY B 25 30.13 11.58 20.66
CA GLY B 25 30.56 10.29 20.09
C GLY B 25 30.68 9.21 21.15
N ALA B 26 30.04 9.42 22.32
CA ALA B 26 30.06 8.50 23.46
C ALA B 26 28.68 8.46 24.13
N LYS B 27 28.34 7.31 24.73
CA LYS B 27 27.07 7.09 25.42
C LYS B 27 27.10 7.69 26.82
N ASP B 28 25.98 8.32 27.25
CA ASP B 28 25.80 8.88 28.60
C ASP B 28 25.44 7.73 29.54
N THR B 29 26.19 7.57 30.66
CA THR B 29 25.96 6.47 31.61
C THR B 29 24.87 6.83 32.65
N LYS B 30 24.43 8.10 32.69
CA LYS B 30 23.35 8.52 33.60
C LYS B 30 22.07 7.70 33.36
N PRO B 31 21.43 7.19 34.43
CA PRO B 31 20.19 6.41 34.28
C PRO B 31 19.07 7.18 33.59
N MET B 32 18.18 6.45 32.89
CA MET B 32 17.05 6.99 32.13
C MET B 32 15.88 7.47 32.97
N GLY B 33 15.76 6.96 34.19
CA GLY B 33 14.63 7.31 35.05
C GLY B 33 13.49 6.32 34.90
N ARG B 34 12.24 6.81 35.12
CA ARG B 34 11.01 5.96 35.02
C ARG B 34 10.85 5.40 33.61
N SER B 35 10.38 4.14 33.51
CA SER B 35 10.21 3.37 32.27
C SER B 35 11.58 3.27 31.56
N GLY B 36 12.63 3.02 32.35
CA GLY B 36 14.01 2.93 31.91
C GLY B 36 14.23 1.89 30.84
N ALA B 37 13.60 0.71 30.98
CA ALA B 37 13.71 -0.40 30.03
C ALA B 37 13.28 0.05 28.63
N THR B 38 12.09 0.65 28.51
CA THR B 38 11.56 1.17 27.24
C THR B 38 12.49 2.25 26.67
N SER B 39 12.89 3.23 27.51
CA SER B 39 13.74 4.34 27.04
C SER B 39 15.09 3.84 26.51
N ARG B 40 15.74 2.86 27.18
CA ARG B 40 17.03 2.32 26.72
C ARG B 40 16.87 1.62 25.36
N LYS B 41 15.80 0.84 25.19
CA LYS B 41 15.49 0.15 23.93
C LYS B 41 15.18 1.16 22.82
N ALA B 42 14.39 2.18 23.14
CA ALA B 42 14.05 3.24 22.16
C ALA B 42 15.29 3.98 21.73
N LEU B 43 16.23 4.25 22.66
CA LEU B 43 17.47 4.96 22.27
C LEU B 43 18.32 4.08 21.36
N GLU B 44 18.48 2.78 21.67
CA GLU B 44 19.24 1.87 20.79
C GLU B 44 18.58 1.76 19.39
N THR B 45 17.23 1.74 19.34
CA THR B 45 16.49 1.66 18.06
C THR B 45 16.72 2.97 17.25
N LEU B 46 16.68 4.10 17.94
CA LEU B 46 16.85 5.43 17.35
C LEU B 46 18.25 5.59 16.75
N ARG B 47 19.30 5.05 17.39
CA ARG B 47 20.67 5.08 16.86
C ARG B 47 20.73 4.35 15.55
N ARG B 48 20.25 3.10 15.55
CA ARG B 48 20.23 2.19 14.40
C ARG B 48 19.41 2.80 13.24
N VAL B 49 18.14 3.14 13.49
CA VAL B 49 17.28 3.68 12.44
C VAL B 49 17.75 5.10 11.99
N GLY B 50 17.92 6.02 12.95
CA GLY B 50 18.31 7.40 12.71
C GLY B 50 19.57 7.58 11.88
N ASP B 51 20.62 6.81 12.20
CA ASP B 51 21.89 6.87 11.46
C ASP B 51 21.68 6.44 10.01
N GLY B 52 20.86 5.41 9.79
CA GLY B 52 20.49 4.95 8.45
C GLY B 52 19.68 5.99 7.69
N VAL B 53 18.69 6.67 8.36
CA VAL B 53 17.89 7.69 7.65
CA VAL B 53 17.87 7.72 7.75
C VAL B 53 18.78 8.90 7.31
N GLN B 54 19.74 9.30 8.19
CA GLN B 54 20.66 10.40 7.90
C GLN B 54 21.49 10.13 6.64
N ARG B 55 21.98 8.88 6.46
CA ARG B 55 22.74 8.48 5.26
C ARG B 55 21.82 8.46 4.01
N ASN B 56 20.64 7.87 4.15
CA ASN B 56 19.70 7.71 3.03
C ASN B 56 19.13 9.05 2.53
N HIS B 57 18.90 10.03 3.42
CA HIS B 57 18.34 11.36 3.07
C HIS B 57 19.41 12.42 3.01
N GLU B 58 20.69 12.04 2.92
CA GLU B 58 21.79 13.01 2.97
C GLU B 58 21.60 14.21 2.01
N THR B 59 21.31 13.96 0.72
CA THR B 59 21.18 15.04 -0.26
C THR B 59 20.08 16.05 0.15
N ALA B 60 18.86 15.59 0.48
CA ALA B 60 17.79 16.51 0.87
C ALA B 60 18.08 17.18 2.19
N PHE B 61 18.68 16.44 3.14
CA PHE B 61 19.05 16.94 4.46
C PHE B 61 20.04 18.08 4.34
N GLN B 62 21.04 17.94 3.45
CA GLN B 62 22.02 18.98 3.15
C GLN B 62 21.32 20.24 2.62
N GLY B 63 20.38 20.07 1.67
CA GLY B 63 19.65 21.21 1.08
C GLY B 63 18.72 21.88 2.10
N MET B 64 18.02 21.10 2.89
CA MET B 64 17.15 21.64 3.95
C MET B 64 17.96 22.42 4.98
N LEU B 65 19.10 21.86 5.42
CA LEU B 65 19.98 22.51 6.38
C LEU B 65 20.48 23.87 5.84
N ARG B 66 20.90 23.91 4.56
CA ARG B 66 21.37 25.13 3.91
C ARG B 66 20.26 26.19 3.86
N LYS B 67 19.02 25.81 3.52
CA LYS B 67 17.91 26.78 3.44
C LYS B 67 17.53 27.30 4.85
N LEU B 68 17.72 26.49 5.87
CA LEU B 68 17.41 26.92 7.24
C LEU B 68 18.41 27.99 7.76
N ASP B 69 19.63 28.01 7.20
CA ASP B 69 20.66 29.04 7.48
C ASP B 69 20.91 29.18 9.00
N ILE B 70 21.37 28.08 9.60
CA ILE B 70 21.62 28.00 11.03
C ILE B 70 23.07 28.42 11.29
N LYS B 71 23.24 29.63 11.81
CA LYS B 71 24.54 30.26 12.04
C LYS B 71 24.78 30.58 13.51
N ASN B 72 23.70 30.77 14.30
CA ASN B 72 23.82 31.14 15.72
C ASN B 72 22.67 30.57 16.59
N GLU B 73 22.70 30.83 17.92
CA GLU B 73 21.70 30.37 18.89
C GLU B 73 20.28 30.88 18.58
N ASP B 74 20.17 32.11 18.05
CA ASP B 74 18.88 32.71 17.68
C ASP B 74 18.24 31.95 16.52
N ASP B 75 19.06 31.42 15.58
CA ASP B 75 18.56 30.60 14.46
C ASP B 75 17.97 29.28 14.95
N VAL B 76 18.57 28.68 15.98
CA VAL B 76 18.10 27.40 16.56
C VAL B 76 16.73 27.63 17.22
N LYS B 77 16.55 28.78 17.90
CA LYS B 77 15.31 29.19 18.55
C LYS B 77 14.15 29.42 17.55
N SER B 78 14.47 29.66 16.27
CA SER B 78 13.47 29.88 15.23
C SER B 78 12.93 28.56 14.66
N LEU B 79 13.62 27.44 14.94
CA LEU B 79 13.30 26.11 14.39
C LEU B 79 11.99 25.51 14.88
N SER B 80 11.56 25.81 16.11
CA SER B 80 10.27 25.35 16.67
C SER B 80 9.11 25.73 15.75
N ARG B 81 9.09 27.01 15.29
CA ARG B 81 8.06 27.52 14.39
C ARG B 81 8.02 26.75 13.07
N VAL B 82 9.19 26.40 12.54
CA VAL B 82 9.33 25.66 11.30
C VAL B 82 8.74 24.27 11.50
N MET B 83 9.09 23.61 12.61
CA MET B 83 8.61 22.25 12.88
C MET B 83 7.09 22.22 13.07
N ILE B 84 6.54 23.20 13.80
CA ILE B 84 5.08 23.28 14.01
C ILE B 84 4.35 23.45 12.66
N HIS B 85 4.84 24.38 11.83
CA HIS B 85 4.26 24.65 10.52
C HIS B 85 4.21 23.39 9.63
N VAL B 86 5.33 22.66 9.52
CA VAL B 86 5.44 21.48 8.68
C VAL B 86 4.60 20.32 9.24
N PHE B 87 4.78 20.03 10.54
CA PHE B 87 4.15 18.88 11.20
C PHE B 87 2.68 18.97 11.45
N SER B 88 2.12 20.15 11.39
CA SER B 88 0.74 20.26 11.80
C SER B 88 -0.25 20.24 10.61
N ASP B 89 -0.19 19.13 9.85
CA ASP B 89 -0.99 18.84 8.65
C ASP B 89 -1.83 17.55 8.81
N GLY B 90 -1.92 17.02 10.04
CA GLY B 90 -2.68 15.82 10.32
C GLY B 90 -2.04 14.51 9.92
N VAL B 91 -0.83 14.52 9.36
CA VAL B 91 -0.14 13.28 8.96
C VAL B 91 0.83 12.87 10.07
N THR B 92 0.68 11.65 10.60
CA THR B 92 1.54 11.13 11.65
C THR B 92 1.80 9.64 11.44
N ASN B 93 3.07 9.26 11.43
CA ASN B 93 3.51 7.87 11.31
C ASN B 93 4.92 7.79 11.86
N TRP B 94 5.39 6.59 12.21
CA TRP B 94 6.72 6.45 12.82
C TRP B 94 7.87 6.85 11.86
N GLY B 95 7.68 6.66 10.55
CA GLY B 95 8.65 7.04 9.52
C GLY B 95 8.92 8.55 9.57
N ARG B 96 7.85 9.34 9.62
CA ARG B 96 7.94 10.82 9.67
C ARG B 96 8.52 11.29 11.01
N ILE B 97 8.11 10.65 12.13
CA ILE B 97 8.62 11.00 13.46
C ILE B 97 10.13 10.72 13.57
N VAL B 98 10.58 9.52 13.14
CA VAL B 98 12.01 9.17 13.21
C VAL B 98 12.86 10.06 12.24
N THR B 99 12.28 10.51 11.11
CA THR B 99 12.99 11.33 10.14
C THR B 99 13.08 12.74 10.70
N LEU B 100 12.04 13.23 11.38
CA LEU B 100 12.10 14.54 12.07
C LEU B 100 13.29 14.55 13.05
N ILE B 101 13.38 13.50 13.91
CA ILE B 101 14.44 13.40 14.92
C ILE B 101 15.81 13.25 14.24
N SER B 102 15.89 12.46 13.17
CA SER B 102 17.15 12.23 12.44
C SER B 102 17.66 13.54 11.81
N PHE B 103 16.74 14.39 11.27
CA PHE B 103 17.15 15.71 10.75
C PHE B 103 17.69 16.57 11.92
N GLY B 104 17.08 16.41 13.10
CA GLY B 104 17.55 17.06 14.33
C GLY B 104 18.98 16.66 14.63
N ALA B 105 19.29 15.35 14.52
CA ALA B 105 20.65 14.85 14.76
C ALA B 105 21.65 15.38 13.67
N PHE B 106 21.16 15.56 12.43
CA PHE B 106 21.93 16.13 11.31
C PHE B 106 22.26 17.58 11.60
N VAL B 107 21.29 18.32 12.18
CA VAL B 107 21.48 19.71 12.59
C VAL B 107 22.51 19.77 13.77
N ALA B 108 22.41 18.83 14.74
CA ALA B 108 23.33 18.76 15.88
C ALA B 108 24.81 18.58 15.39
N LYS B 109 25.05 17.72 14.40
CA LYS B 109 26.40 17.53 13.81
C LYS B 109 26.88 18.86 13.24
N HIS B 110 26.00 19.59 12.52
CA HIS B 110 26.34 20.91 11.95
C HIS B 110 26.70 21.91 13.09
N LEU B 111 25.92 21.88 14.17
CA LEU B 111 26.14 22.77 15.32
C LEU B 111 27.51 22.52 15.90
N LYS B 112 27.93 21.26 15.96
CA LYS B 112 29.27 20.98 16.43
C LYS B 112 30.33 21.62 15.48
N THR B 113 30.14 21.52 14.14
CA THR B 113 31.11 22.08 13.19
C THR B 113 31.29 23.59 13.32
N ILE B 114 30.23 24.33 13.67
CA ILE B 114 30.34 25.80 13.75
C ILE B 114 30.61 26.27 15.19
N ASN B 115 31.03 25.33 16.05
CA ASN B 115 31.35 25.56 17.46
C ASN B 115 30.15 26.07 18.22
N GLN B 116 28.97 25.48 17.96
CA GLN B 116 27.75 25.87 18.66
C GLN B 116 27.13 24.64 19.38
N GLU B 117 27.97 23.77 19.95
CA GLU B 117 27.53 22.56 20.68
C GLU B 117 26.53 22.89 21.81
N SER B 118 26.65 24.08 22.43
CA SER B 118 25.74 24.55 23.49
C SER B 118 24.28 24.61 22.99
N CYS B 119 24.04 24.74 21.67
CA CYS B 119 22.66 24.81 21.10
C CYS B 119 22.00 23.41 20.94
N ILE B 120 22.77 22.31 21.10
CA ILE B 120 22.24 20.97 20.84
C ILE B 120 21.12 20.60 21.86
N GLU B 121 21.35 20.81 23.16
CA GLU B 121 20.32 20.50 24.19
C GLU B 121 19.07 21.36 23.96
N PRO B 122 19.15 22.71 23.77
CA PRO B 122 17.93 23.49 23.45
C PRO B 122 17.25 23.01 22.16
N LEU B 123 18.02 22.49 21.16
CA LEU B 123 17.43 21.95 19.93
C LEU B 123 16.62 20.68 20.26
N ALA B 124 17.20 19.77 21.05
CA ALA B 124 16.49 18.55 21.45
C ALA B 124 15.22 18.87 22.23
N GLU B 125 15.24 19.94 23.05
CA GLU B 125 14.07 20.33 23.84
CA GLU B 125 14.07 20.39 23.84
C GLU B 125 12.94 20.84 22.92
N SER B 126 13.30 21.60 21.88
CA SER B 126 12.38 22.17 20.90
C SER B 126 11.71 21.08 20.05
N ILE B 127 12.49 20.09 19.60
CA ILE B 127 12.00 18.95 18.81
C ILE B 127 10.99 18.16 19.66
N THR B 128 11.38 17.80 20.88
CA THR B 128 10.55 17.06 21.84
C THR B 128 9.24 17.81 22.11
N ASP B 129 9.36 19.11 22.40
CA ASP B 129 8.23 19.99 22.69
C ASP B 129 7.24 19.96 21.54
N VAL B 130 7.70 20.18 20.30
CA VAL B 130 6.81 20.17 19.13
C VAL B 130 6.19 18.77 18.94
N LEU B 131 7.00 17.72 19.07
CA LEU B 131 6.51 16.36 18.87
C LEU B 131 5.39 16.00 19.82
N VAL B 132 5.62 16.17 21.12
CA VAL B 132 4.66 15.79 22.14
C VAL B 132 3.42 16.73 22.12
N ARG B 133 3.61 18.05 22.03
CA ARG B 133 2.47 19.01 22.01
C ARG B 133 1.56 18.84 20.76
N THR B 134 2.11 18.46 19.61
CA THR B 134 1.25 18.34 18.42
C THR B 134 0.74 16.91 18.19
N LYS B 135 1.52 15.88 18.56
CA LYS B 135 1.16 14.48 18.26
C LYS B 135 0.84 13.61 19.47
N ARG B 136 0.59 14.24 20.64
CA ARG B 136 0.29 13.57 21.92
C ARG B 136 -0.73 12.39 21.79
N ASP B 137 -1.91 12.67 21.22
CA ASP B 137 -3.00 11.67 21.10
C ASP B 137 -2.54 10.49 20.23
N TRP B 138 -1.84 10.73 19.12
CA TRP B 138 -1.35 9.68 18.24
C TRP B 138 -0.30 8.83 18.98
N LEU B 139 0.62 9.49 19.69
CA LEU B 139 1.67 8.82 20.45
C LEU B 139 1.08 7.89 21.53
N VAL B 140 0.04 8.33 22.27
CA VAL B 140 -0.60 7.52 23.35
C VAL B 140 -1.32 6.32 22.72
N LYS B 141 -2.02 6.56 21.60
CA LYS B 141 -2.76 5.51 20.89
C LYS B 141 -1.82 4.40 20.38
N GLN B 142 -0.61 4.79 19.93
CA GLN B 142 0.39 3.87 19.37
C GLN B 142 1.33 3.29 20.45
N ARG B 143 0.99 3.50 21.75
CA ARG B 143 1.70 3.01 22.94
C ARG B 143 3.10 3.63 23.09
N GLY B 144 3.21 4.89 22.70
CA GLY B 144 4.41 5.71 22.85
C GLY B 144 5.68 5.04 22.38
N TRP B 145 6.73 5.14 23.21
CA TRP B 145 8.05 4.63 22.85
C TRP B 145 8.10 3.08 22.76
N ASP B 146 7.15 2.36 23.38
CA ASP B 146 7.04 0.91 23.22
C ASP B 146 6.61 0.59 21.77
N GLY B 147 5.71 1.41 21.22
CA GLY B 147 5.22 1.28 19.84
C GLY B 147 6.33 1.56 18.85
N PHE B 148 7.17 2.56 19.15
CA PHE B 148 8.33 2.93 18.35
C PHE B 148 9.31 1.74 18.25
N VAL B 149 9.67 1.13 19.40
CA VAL B 149 10.57 -0.04 19.50
C VAL B 149 9.98 -1.23 18.70
N GLU B 150 8.67 -1.48 18.85
CA GLU B 150 7.97 -2.57 18.15
C GLU B 150 7.90 -2.33 16.64
N PHE B 151 7.59 -1.11 16.20
CA PHE B 151 7.49 -0.78 14.78
C PHE B 151 8.82 -1.02 14.04
N PHE B 152 9.96 -0.58 14.61
CA PHE B 152 11.28 -0.73 13.98
C PHE B 152 12.04 -2.01 14.43
N HIS B 153 11.38 -2.94 15.16
CA HIS B 153 12.00 -4.19 15.63
C HIS B 153 12.45 -5.06 14.45
N VAL B 154 13.73 -5.50 14.49
CA VAL B 154 14.45 -6.34 13.50
C VAL B 154 14.35 -5.76 12.09
N ALA C 3 5.55 4.86 -27.72
CA ALA C 3 5.88 4.22 -26.44
C ALA C 3 5.38 2.78 -26.40
N GLU C 4 6.27 1.84 -26.01
CA GLU C 4 5.99 0.40 -25.91
C GLU C 4 5.93 -0.09 -24.45
N ASP C 5 5.04 -1.05 -24.18
CA ASP C 5 4.83 -1.65 -22.87
C ASP C 5 4.50 -3.14 -23.07
N GLU C 6 5.54 -3.96 -23.09
CA GLU C 6 5.50 -5.39 -23.35
C GLU C 6 4.73 -6.13 -22.28
N LEU C 7 4.89 -5.73 -21.00
CA LEU C 7 4.16 -6.35 -19.91
C LEU C 7 2.67 -6.10 -20.08
N TYR C 8 2.24 -4.85 -20.36
CA TYR C 8 0.82 -4.52 -20.59
C TYR C 8 0.28 -5.29 -21.80
N ARG C 9 1.01 -5.31 -22.91
CA ARG C 9 0.58 -5.99 -24.13
C ARG C 9 0.42 -7.51 -23.89
N GLN C 10 1.39 -8.15 -23.22
CA GLN C 10 1.32 -9.59 -22.92
C GLN C 10 0.21 -9.90 -21.90
N SER C 11 0.10 -9.08 -20.82
CA SER C 11 -0.93 -9.25 -19.80
C SER C 11 -2.31 -9.13 -20.43
N LEU C 12 -2.51 -8.15 -21.34
CA LEU C 12 -3.77 -7.96 -22.05
C LEU C 12 -4.11 -9.15 -22.95
N GLU C 13 -3.16 -9.65 -23.76
CA GLU C 13 -3.52 -10.76 -24.64
C GLU C 13 -3.96 -12.01 -23.82
N ILE C 14 -3.33 -12.28 -22.67
CA ILE C 14 -3.68 -13.41 -21.83
C ILE C 14 -5.07 -13.18 -21.16
N ILE C 15 -5.24 -12.03 -20.47
CA ILE C 15 -6.48 -11.72 -19.72
C ILE C 15 -7.70 -11.62 -20.69
N SER C 16 -7.56 -10.86 -21.80
CA SER C 16 -8.63 -10.74 -22.80
C SER C 16 -9.06 -12.11 -23.36
N ARG C 17 -8.10 -12.97 -23.76
CA ARG C 17 -8.42 -14.30 -24.30
C ARG C 17 -9.15 -15.18 -23.27
N TYR C 18 -8.73 -15.13 -22.00
CA TYR C 18 -9.38 -15.92 -20.95
C TYR C 18 -10.81 -15.43 -20.69
N LEU C 19 -11.01 -14.11 -20.49
CA LEU C 19 -12.35 -13.53 -20.28
C LEU C 19 -13.27 -13.80 -21.47
N ARG C 20 -12.77 -13.67 -22.72
CA ARG C 20 -13.59 -13.92 -23.92
C ARG C 20 -13.99 -15.40 -24.05
N GLU C 21 -13.03 -16.34 -23.77
CA GLU C 21 -13.26 -17.78 -23.80
C GLU C 21 -14.31 -18.18 -22.79
N GLN C 22 -14.15 -17.69 -21.55
CA GLN C 22 -15.07 -18.03 -20.46
C GLN C 22 -16.48 -17.58 -20.77
N ALA C 23 -16.63 -16.44 -21.43
CA ALA C 23 -17.93 -15.91 -21.83
C ALA C 23 -18.57 -16.67 -23.00
N THR C 24 -17.77 -17.02 -24.04
CA THR C 24 -18.28 -17.64 -25.28
C THR C 24 -18.16 -19.17 -25.32
N GLY C 25 -17.21 -19.73 -24.58
CA GLY C 25 -16.97 -21.17 -24.55
C GLY C 25 -16.19 -21.66 -25.76
N ALA C 26 -15.67 -20.72 -26.58
CA ALA C 26 -14.88 -20.99 -27.78
C ALA C 26 -13.50 -20.34 -27.68
N LYS C 27 -12.48 -21.01 -28.23
CA LYS C 27 -11.09 -20.54 -28.19
C LYS C 27 -10.80 -19.55 -29.33
N ASP C 28 -9.80 -18.68 -29.10
CA ASP C 28 -9.36 -17.68 -30.08
C ASP C 28 -8.22 -18.27 -30.89
N THR C 29 -8.43 -18.42 -32.22
CA THR C 29 -7.50 -19.03 -33.16
C THR C 29 -6.38 -18.08 -33.63
N LYS C 30 -6.57 -16.76 -33.47
CA LYS C 30 -5.60 -15.74 -33.89
C LYS C 30 -4.25 -15.89 -33.14
N PRO C 31 -3.10 -15.54 -33.77
CA PRO C 31 -1.81 -15.71 -33.07
C PRO C 31 -1.59 -14.67 -31.97
N MET C 32 -0.61 -14.96 -31.11
CA MET C 32 -0.24 -14.09 -30.00
C MET C 32 1.03 -13.31 -30.42
N GLY C 33 1.44 -12.36 -29.59
CA GLY C 33 2.60 -11.53 -29.87
C GLY C 33 3.96 -12.18 -29.76
N ARG C 34 4.98 -11.35 -29.47
CA ARG C 34 6.41 -11.67 -29.35
C ARG C 34 6.69 -12.85 -28.42
N SER C 35 6.13 -12.81 -27.20
CA SER C 35 6.33 -13.87 -26.20
C SER C 35 5.14 -14.84 -26.23
N GLY C 36 4.91 -15.43 -27.40
CA GLY C 36 3.83 -16.39 -27.67
C GLY C 36 3.84 -17.63 -26.83
N ALA C 37 5.03 -18.28 -26.68
CA ALA C 37 5.23 -19.50 -25.90
C ALA C 37 4.81 -19.34 -24.43
N THR C 38 5.32 -18.30 -23.74
CA THR C 38 5.01 -18.03 -22.34
C THR C 38 3.53 -17.68 -22.19
N SER C 39 2.98 -16.89 -23.13
CA SER C 39 1.56 -16.50 -23.12
C SER C 39 0.63 -17.71 -23.26
N ARG C 40 1.00 -18.69 -24.12
CA ARG C 40 0.18 -19.91 -24.31
C ARG C 40 0.15 -20.76 -23.03
N LYS C 41 1.31 -20.87 -22.36
CA LYS C 41 1.45 -21.61 -21.10
C LYS C 41 0.69 -20.87 -19.96
N ALA C 42 0.77 -19.52 -19.92
CA ALA C 42 0.06 -18.73 -18.90
C ALA C 42 -1.46 -18.88 -19.06
N LEU C 43 -1.95 -18.85 -20.31
CA LEU C 43 -3.38 -19.01 -20.62
C LEU C 43 -3.85 -20.43 -20.23
N GLU C 44 -3.05 -21.49 -20.47
CA GLU C 44 -3.35 -22.85 -20.06
C GLU C 44 -3.42 -22.95 -18.53
N THR C 45 -2.44 -22.36 -17.82
CA THR C 45 -2.43 -22.29 -16.35
C THR C 45 -3.69 -21.57 -15.84
N LEU C 46 -4.01 -20.40 -16.45
CA LEU C 46 -5.16 -19.58 -16.08
C LEU C 46 -6.45 -20.36 -16.21
N ARG C 47 -6.61 -21.20 -17.26
CA ARG C 47 -7.77 -22.07 -17.46
C ARG C 47 -7.93 -23.06 -16.31
N ARG C 48 -6.84 -23.77 -15.94
CA ARG C 48 -6.88 -24.73 -14.84
C ARG C 48 -7.11 -23.99 -13.49
N VAL C 49 -6.28 -22.98 -13.17
CA VAL C 49 -6.34 -22.31 -11.85
C VAL C 49 -7.62 -21.43 -11.70
N GLY C 50 -7.89 -20.58 -12.69
CA GLY C 50 -9.04 -19.67 -12.70
C GLY C 50 -10.39 -20.36 -12.66
N ASP C 51 -10.52 -21.54 -13.30
CA ASP C 51 -11.78 -22.29 -13.25
C ASP C 51 -12.02 -22.86 -11.81
N GLY C 52 -10.94 -23.25 -11.14
CA GLY C 52 -10.98 -23.72 -9.76
C GLY C 52 -11.26 -22.59 -8.79
N VAL C 53 -10.66 -21.40 -9.03
CA VAL C 53 -10.85 -20.19 -8.20
C VAL C 53 -12.36 -19.76 -8.26
N GLN C 54 -12.95 -19.74 -9.46
CA GLN C 54 -14.36 -19.38 -9.63
C GLN C 54 -15.30 -20.32 -8.87
N ARG C 55 -14.98 -21.63 -8.82
CA ARG C 55 -15.77 -22.62 -8.05
C ARG C 55 -15.52 -22.45 -6.55
N ASN C 56 -14.25 -22.34 -6.11
CA ASN C 56 -13.88 -22.15 -4.68
C ASN C 56 -14.46 -20.89 -4.06
N HIS C 57 -14.52 -19.79 -4.82
CA HIS C 57 -15.00 -18.45 -4.39
C HIS C 57 -16.42 -18.12 -4.89
N GLU C 58 -17.19 -19.11 -5.32
CA GLU C 58 -18.52 -18.94 -5.90
C GLU C 58 -19.47 -18.07 -5.04
N THR C 59 -19.60 -18.35 -3.73
CA THR C 59 -20.50 -17.58 -2.85
C THR C 59 -20.13 -16.10 -2.81
N ALA C 60 -18.85 -15.79 -2.54
CA ALA C 60 -18.39 -14.40 -2.48
C ALA C 60 -18.45 -13.74 -3.85
N PHE C 61 -18.11 -14.48 -4.92
CA PHE C 61 -18.17 -13.95 -6.30
C PHE C 61 -19.61 -13.59 -6.65
N GLN C 62 -20.62 -14.46 -6.30
CA GLN C 62 -22.05 -14.21 -6.52
CA GLN C 62 -22.03 -14.16 -6.57
C GLN C 62 -22.48 -12.91 -5.82
N GLY C 63 -22.06 -12.77 -4.55
CA GLY C 63 -22.39 -11.61 -3.71
C GLY C 63 -21.74 -10.34 -4.21
N MET C 64 -20.46 -10.39 -4.54
CA MET C 64 -19.73 -9.23 -5.08
C MET C 64 -20.33 -8.78 -6.42
N LEU C 65 -20.68 -9.71 -7.33
CA LEU C 65 -21.28 -9.39 -8.63
C LEU C 65 -22.63 -8.67 -8.45
N ARG C 66 -23.45 -9.14 -7.49
CA ARG C 66 -24.77 -8.56 -7.19
C ARG C 66 -24.62 -7.13 -6.67
N LYS C 67 -23.68 -6.87 -5.74
CA LYS C 67 -23.45 -5.54 -5.17
C LYS C 67 -22.99 -4.55 -6.25
N LEU C 68 -22.18 -5.02 -7.21
CA LEU C 68 -21.71 -4.18 -8.32
C LEU C 68 -22.85 -3.82 -9.25
N ASP C 69 -23.84 -4.73 -9.41
CA ASP C 69 -25.05 -4.52 -10.24
C ASP C 69 -24.68 -3.92 -11.62
N ILE C 70 -23.99 -4.71 -12.46
CA ILE C 70 -23.49 -4.28 -13.77
C ILE C 70 -24.55 -4.49 -14.82
N LYS C 71 -24.98 -3.40 -15.48
CA LYS C 71 -26.09 -3.50 -16.45
C LYS C 71 -25.73 -3.06 -17.87
N ASN C 72 -24.67 -2.23 -18.03
CA ASN C 72 -24.31 -1.62 -19.31
C ASN C 72 -22.83 -1.18 -19.33
N GLU C 73 -22.42 -0.52 -20.43
CA GLU C 73 -21.06 -0.02 -20.67
C GLU C 73 -20.58 0.95 -19.57
N ASP C 74 -21.44 1.87 -19.11
CA ASP C 74 -21.15 2.84 -18.05
C ASP C 74 -20.80 2.13 -16.73
N ASP C 75 -21.56 1.05 -16.39
CA ASP C 75 -21.33 0.25 -15.19
C ASP C 75 -19.99 -0.49 -15.28
N VAL C 76 -19.66 -1.00 -16.48
CA VAL C 76 -18.41 -1.70 -16.73
C VAL C 76 -17.23 -0.71 -16.52
N LYS C 77 -17.31 0.48 -17.17
CA LYS C 77 -16.30 1.53 -17.05
C LYS C 77 -16.08 1.96 -15.60
N SER C 78 -17.17 2.07 -14.82
CA SER C 78 -17.07 2.49 -13.42
C SER C 78 -16.34 1.43 -12.57
N LEU C 79 -16.27 0.15 -13.04
CA LEU C 79 -15.56 -0.93 -12.34
C LEU C 79 -14.08 -0.63 -12.16
N SER C 80 -13.48 0.16 -13.07
CA SER C 80 -12.09 0.55 -12.94
C SER C 80 -11.86 1.26 -11.59
N ARG C 81 -12.85 2.04 -11.11
CA ARG C 81 -12.78 2.77 -9.84
C ARG C 81 -12.72 1.78 -8.66
N VAL C 82 -13.54 0.73 -8.70
CA VAL C 82 -13.55 -0.32 -7.67
C VAL C 82 -12.17 -1.02 -7.61
N MET C 83 -11.65 -1.47 -8.75
CA MET C 83 -10.39 -2.23 -8.82
C MET C 83 -9.17 -1.43 -8.33
N ILE C 84 -9.06 -0.15 -8.71
CA ILE C 84 -7.93 0.68 -8.25
C ILE C 84 -8.04 0.91 -6.74
N HIS C 85 -9.25 1.16 -6.22
CA HIS C 85 -9.41 1.40 -4.79
C HIS C 85 -9.10 0.12 -3.97
N VAL C 86 -9.43 -1.09 -4.49
CA VAL C 86 -9.12 -2.29 -3.73
C VAL C 86 -7.61 -2.70 -3.87
N PHE C 87 -7.02 -2.64 -5.09
CA PHE C 87 -5.66 -3.10 -5.38
C PHE C 87 -4.53 -2.11 -5.08
N SER C 88 -4.81 -0.81 -4.84
CA SER C 88 -3.73 0.14 -4.55
C SER C 88 -3.39 0.18 -3.04
N ASP C 89 -3.05 -0.99 -2.46
CA ASP C 89 -2.75 -1.06 -1.03
C ASP C 89 -1.32 -1.56 -0.69
N GLY C 90 -0.55 -1.95 -1.70
CA GLY C 90 0.80 -2.44 -1.51
C GLY C 90 0.93 -3.92 -1.20
N VAL C 91 -0.21 -4.66 -1.09
CA VAL C 91 -0.25 -6.10 -0.81
C VAL C 91 -0.30 -6.87 -2.15
N THR C 92 0.66 -7.80 -2.36
CA THR C 92 0.71 -8.55 -3.62
C THR C 92 1.20 -9.97 -3.43
N ASN C 93 0.51 -10.92 -4.07
CA ASN C 93 0.86 -12.34 -4.11
C ASN C 93 0.12 -12.89 -5.34
N TRP C 94 0.57 -14.04 -5.88
CA TRP C 94 -0.03 -14.64 -7.09
C TRP C 94 -1.49 -15.05 -6.88
N GLY C 95 -1.86 -15.44 -5.65
CA GLY C 95 -3.23 -15.79 -5.31
C GLY C 95 -4.19 -14.62 -5.52
N ARG C 96 -3.80 -13.43 -5.07
CA ARG C 96 -4.63 -12.22 -5.23
C ARG C 96 -4.76 -11.84 -6.72
N ILE C 97 -3.64 -11.89 -7.47
CA ILE C 97 -3.60 -11.55 -8.90
C ILE C 97 -4.51 -12.51 -9.70
N VAL C 98 -4.38 -13.83 -9.51
CA VAL C 98 -5.22 -14.79 -10.23
C VAL C 98 -6.71 -14.66 -9.81
N THR C 99 -7.01 -14.27 -8.55
CA THR C 99 -8.40 -14.14 -8.09
C THR C 99 -9.05 -12.87 -8.70
N LEU C 100 -8.26 -11.78 -8.87
CA LEU C 100 -8.70 -10.57 -9.58
C LEU C 100 -9.15 -10.96 -11.02
N ILE C 101 -8.29 -11.70 -11.74
CA ILE C 101 -8.56 -12.13 -13.10
C ILE C 101 -9.76 -13.11 -13.14
N SER C 102 -9.82 -14.08 -12.22
CA SER C 102 -10.91 -15.07 -12.16
C SER C 102 -12.26 -14.39 -11.90
N PHE C 103 -12.27 -13.29 -11.09
CA PHE C 103 -13.51 -12.53 -10.90
C PHE C 103 -13.87 -11.80 -12.20
N GLY C 104 -12.84 -11.36 -12.95
CA GLY C 104 -13.03 -10.73 -14.26
C GLY C 104 -13.76 -11.70 -15.21
N ALA C 105 -13.35 -12.99 -15.21
CA ALA C 105 -14.00 -14.00 -16.05
C ALA C 105 -15.44 -14.22 -15.57
N PHE C 106 -15.67 -14.19 -14.24
CA PHE C 106 -17.00 -14.33 -13.63
C PHE C 106 -17.91 -13.18 -14.12
N VAL C 107 -17.40 -11.94 -14.15
CA VAL C 107 -18.14 -10.78 -14.66
C VAL C 107 -18.34 -10.91 -16.19
N ALA C 108 -17.32 -11.39 -16.93
CA ALA C 108 -17.40 -11.58 -18.39
C ALA C 108 -18.57 -12.51 -18.77
N LYS C 109 -18.77 -13.62 -18.02
CA LYS C 109 -19.89 -14.57 -18.22
C LYS C 109 -21.24 -13.85 -17.99
N HIS C 110 -21.35 -13.04 -16.92
CA HIS C 110 -22.54 -12.26 -16.59
C HIS C 110 -22.89 -11.31 -17.75
N LEU C 111 -21.88 -10.60 -18.29
CA LEU C 111 -22.01 -9.65 -19.41
C LEU C 111 -22.60 -10.36 -20.63
N LYS C 112 -22.14 -11.58 -20.91
CA LYS C 112 -22.66 -12.39 -22.02
C LYS C 112 -24.15 -12.72 -21.80
N THR C 113 -24.54 -13.09 -20.56
CA THR C 113 -25.92 -13.45 -20.17
C THR C 113 -26.90 -12.30 -20.41
N ILE C 114 -26.50 -11.05 -20.08
CA ILE C 114 -27.34 -9.85 -20.21
C ILE C 114 -27.13 -9.16 -21.59
N ASN C 115 -26.56 -9.89 -22.57
CA ASN C 115 -26.29 -9.45 -23.95
C ASN C 115 -25.44 -8.15 -24.00
N GLN C 116 -24.38 -8.11 -23.20
CA GLN C 116 -23.42 -6.99 -23.17
C GLN C 116 -22.00 -7.52 -23.44
N GLU C 117 -21.86 -8.46 -24.40
CA GLU C 117 -20.58 -9.11 -24.78
C GLU C 117 -19.53 -8.10 -25.27
N SER C 118 -19.96 -7.01 -25.93
CA SER C 118 -19.06 -5.96 -26.43
C SER C 118 -18.30 -5.25 -25.29
N CYS C 119 -18.77 -5.39 -24.04
CA CYS C 119 -18.14 -4.77 -22.87
C CYS C 119 -17.02 -5.64 -22.28
N ILE C 120 -16.85 -6.90 -22.75
CA ILE C 120 -15.82 -7.81 -22.23
C ILE C 120 -14.41 -7.29 -22.55
N GLU C 121 -14.17 -6.81 -23.79
CA GLU C 121 -12.88 -6.29 -24.23
CA GLU C 121 -12.87 -6.29 -24.20
C GLU C 121 -12.51 -5.05 -23.36
N PRO C 122 -13.38 -4.00 -23.18
CA PRO C 122 -12.98 -2.90 -22.29
C PRO C 122 -12.77 -3.36 -20.85
N LEU C 123 -13.53 -4.39 -20.37
CA LEU C 123 -13.35 -4.98 -19.04
C LEU C 123 -11.94 -5.58 -18.92
N ALA C 124 -11.53 -6.40 -19.92
CA ALA C 124 -10.19 -7.01 -19.97
C ALA C 124 -9.08 -5.94 -19.94
N GLU C 125 -9.27 -4.82 -20.70
CA GLU C 125 -8.31 -3.70 -20.76
C GLU C 125 -8.21 -3.02 -19.39
N SER C 126 -9.36 -2.84 -18.74
CA SER C 126 -9.47 -2.21 -17.43
C SER C 126 -8.77 -3.06 -16.34
N ILE C 127 -8.96 -4.39 -16.35
CA ILE C 127 -8.30 -5.27 -15.38
C ILE C 127 -6.77 -5.21 -15.58
N THR C 128 -6.33 -5.31 -16.84
CA THR C 128 -4.90 -5.28 -17.21
C THR C 128 -4.28 -3.96 -16.77
N ASP C 129 -4.95 -2.84 -17.10
CA ASP C 129 -4.47 -1.50 -16.73
C ASP C 129 -4.26 -1.41 -15.20
N VAL C 130 -5.25 -1.82 -14.41
CA VAL C 130 -5.16 -1.78 -12.95
C VAL C 130 -3.99 -2.65 -12.43
N LEU C 131 -3.88 -3.89 -12.93
CA LEU C 131 -2.84 -4.85 -12.54
C LEU C 131 -1.45 -4.30 -12.80
N VAL C 132 -1.21 -3.78 -14.00
CA VAL C 132 0.12 -3.29 -14.38
C VAL C 132 0.37 -1.87 -13.75
N ARG C 133 -0.66 -1.02 -13.60
CA ARG C 133 -0.48 0.31 -12.95
C ARG C 133 -0.09 0.20 -11.46
N THR C 134 -0.60 -0.83 -10.78
CA THR C 134 -0.36 -0.99 -9.34
C THR C 134 0.74 -2.00 -8.99
N LYS C 135 0.94 -3.05 -9.80
CA LYS C 135 1.88 -4.11 -9.37
C LYS C 135 3.07 -4.33 -10.32
N ARG C 136 3.39 -3.36 -11.21
CA ARG C 136 4.48 -3.53 -12.19
C ARG C 136 5.79 -4.00 -11.57
N ASP C 137 6.27 -3.29 -10.55
CA ASP C 137 7.57 -3.60 -9.89
C ASP C 137 7.58 -5.03 -9.33
N TRP C 138 6.50 -5.44 -8.63
CA TRP C 138 6.40 -6.79 -8.06
C TRP C 138 6.39 -7.84 -9.16
N LEU C 139 5.61 -7.59 -10.23
CA LEU C 139 5.47 -8.51 -11.37
C LEU C 139 6.81 -8.73 -12.05
N VAL C 140 7.61 -7.65 -12.22
CA VAL C 140 8.94 -7.69 -12.86
C VAL C 140 9.90 -8.48 -11.96
N LYS C 141 9.88 -8.25 -10.63
CA LYS C 141 10.74 -8.98 -9.69
C LYS C 141 10.37 -10.49 -9.66
N GLN C 142 9.09 -10.82 -9.95
CA GLN C 142 8.63 -12.20 -9.94
C GLN C 142 8.70 -12.87 -11.33
N ARG C 143 9.43 -12.23 -12.28
CA ARG C 143 9.68 -12.68 -13.66
C ARG C 143 8.38 -12.74 -14.49
N GLY C 144 7.41 -11.86 -14.17
CA GLY C 144 6.17 -11.72 -14.93
C GLY C 144 5.38 -12.99 -15.09
N TRP C 145 4.92 -13.27 -16.32
CA TRP C 145 4.09 -14.45 -16.61
C TRP C 145 4.88 -15.78 -16.55
N ASP C 146 6.23 -15.77 -16.66
CA ASP C 146 7.03 -16.99 -16.45
C ASP C 146 6.89 -17.41 -14.97
N GLY C 147 6.98 -16.42 -14.08
CA GLY C 147 6.78 -16.57 -12.65
C GLY C 147 5.41 -17.12 -12.33
N PHE C 148 4.36 -16.59 -13.01
CA PHE C 148 2.96 -17.05 -12.87
C PHE C 148 2.83 -18.56 -13.17
N VAL C 149 3.39 -19.00 -14.32
CA VAL C 149 3.41 -20.38 -14.81
C VAL C 149 4.17 -21.29 -13.82
N GLU C 150 5.38 -20.85 -13.38
CA GLU C 150 6.23 -21.55 -12.40
C GLU C 150 5.50 -21.74 -11.05
N PHE C 151 4.95 -20.66 -10.48
CA PHE C 151 4.24 -20.69 -9.20
C PHE C 151 3.10 -21.71 -9.19
N PHE C 152 2.27 -21.73 -10.25
CA PHE C 152 1.12 -22.63 -10.33
C PHE C 152 1.40 -23.95 -11.06
N HIS C 153 2.67 -24.23 -11.36
CA HIS C 153 3.05 -25.47 -12.06
C HIS C 153 2.74 -26.67 -11.18
N VAL C 154 2.30 -27.77 -11.79
CA VAL C 154 2.01 -29.05 -11.10
C VAL C 154 2.59 -30.20 -11.96
N GLU C 155 2.80 -31.37 -11.33
CA GLU C 155 3.32 -32.62 -11.92
C GLU C 155 4.42 -32.40 -12.98
N ASP D 5 -36.80 -17.32 22.61
CA ASP D 5 -36.74 -17.73 21.21
C ASP D 5 -35.82 -18.95 21.05
N GLU D 6 -36.42 -20.14 20.82
CA GLU D 6 -35.73 -21.42 20.64
C GLU D 6 -34.75 -21.39 19.47
N LEU D 7 -35.19 -20.88 18.28
CA LEU D 7 -34.36 -20.79 17.08
C LEU D 7 -33.18 -19.82 17.30
N TYR D 8 -33.39 -18.67 18.00
CA TYR D 8 -32.31 -17.72 18.28
C TYR D 8 -31.23 -18.37 19.17
N ARG D 9 -31.64 -18.96 20.33
CA ARG D 9 -30.76 -19.61 21.29
C ARG D 9 -30.01 -20.81 20.68
N GLN D 10 -30.68 -21.64 19.86
CA GLN D 10 -30.04 -22.77 19.17
C GLN D 10 -28.98 -22.25 18.17
N SER D 11 -29.33 -21.17 17.43
CA SER D 11 -28.41 -20.53 16.46
C SER D 11 -27.23 -19.89 17.16
N LEU D 12 -27.47 -19.15 18.26
CA LEU D 12 -26.43 -18.47 19.04
C LEU D 12 -25.45 -19.50 19.61
N GLU D 13 -25.96 -20.61 20.18
CA GLU D 13 -25.16 -21.70 20.73
C GLU D 13 -24.17 -22.25 19.70
N ILE D 14 -24.65 -22.57 18.50
CA ILE D 14 -23.83 -23.12 17.41
C ILE D 14 -22.78 -22.12 16.93
N ILE D 15 -23.22 -20.88 16.59
CA ILE D 15 -22.34 -19.86 16.00
C ILE D 15 -21.28 -19.36 17.04
N SER D 16 -21.67 -19.11 18.31
CA SER D 16 -20.72 -18.69 19.35
C SER D 16 -19.67 -19.75 19.62
N ARG D 17 -20.10 -21.02 19.78
CA ARG D 17 -19.18 -22.12 20.05
C ARG D 17 -18.17 -22.24 18.90
N TYR D 18 -18.65 -22.12 17.64
CA TYR D 18 -17.73 -22.25 16.50
C TYR D 18 -16.70 -21.14 16.48
N LEU D 19 -17.13 -19.87 16.64
CA LEU D 19 -16.27 -18.69 16.62
C LEU D 19 -15.26 -18.68 17.76
N ARG D 20 -15.70 -19.05 18.98
CA ARG D 20 -14.82 -19.07 20.17
C ARG D 20 -13.77 -20.18 20.04
N GLU D 21 -14.18 -21.34 19.54
CA GLU D 21 -13.34 -22.53 19.38
C GLU D 21 -12.32 -22.32 18.25
N GLN D 22 -12.67 -21.53 17.22
CA GLN D 22 -11.78 -21.21 16.10
C GLN D 22 -10.68 -20.26 16.55
N ALA D 23 -11.04 -19.18 17.29
CA ALA D 23 -10.09 -18.19 17.79
C ALA D 23 -9.14 -18.82 18.81
N THR D 24 -9.71 -19.51 19.82
CA THR D 24 -8.94 -20.23 20.83
C THR D 24 -8.68 -21.62 20.25
N GLY D 25 -7.89 -22.45 20.89
CA GLY D 25 -7.68 -23.78 20.34
C GLY D 25 -8.57 -24.81 20.98
N ALA D 26 -9.39 -24.40 21.97
CA ALA D 26 -10.21 -25.31 22.77
C ALA D 26 -11.69 -25.34 22.48
N LYS D 27 -12.27 -26.52 22.67
CA LYS D 27 -13.69 -26.79 22.50
C LYS D 27 -14.42 -26.51 23.81
N ASP D 28 -15.62 -25.92 23.73
CA ASP D 28 -16.47 -25.67 24.90
C ASP D 28 -17.05 -27.03 25.35
N THR D 29 -16.70 -27.47 26.58
CA THR D 29 -17.13 -28.77 27.14
C THR D 29 -18.55 -28.76 27.71
N LYS D 30 -19.13 -27.56 27.98
CA LYS D 30 -20.47 -27.41 28.56
C LYS D 30 -21.58 -27.96 27.63
N PRO D 31 -22.73 -28.44 28.19
CA PRO D 31 -23.79 -28.98 27.32
C PRO D 31 -24.57 -27.92 26.54
N MET D 32 -25.21 -28.35 25.44
CA MET D 32 -26.04 -27.49 24.60
C MET D 32 -27.50 -27.58 25.11
N GLY D 33 -28.39 -26.71 24.60
CA GLY D 33 -29.79 -26.66 25.03
C GLY D 33 -30.69 -27.73 24.45
N ARG D 34 -31.97 -27.37 24.21
CA ARG D 34 -32.99 -28.24 23.61
C ARG D 34 -32.62 -28.56 22.16
N SER D 35 -33.04 -29.76 21.66
CA SER D 35 -32.71 -30.32 20.34
C SER D 35 -31.19 -30.51 20.30
N GLY D 36 -30.74 -31.34 21.24
CA GLY D 36 -29.35 -31.68 21.47
C GLY D 36 -28.67 -32.29 20.28
N ALA D 37 -29.28 -33.33 19.67
CA ALA D 37 -28.71 -34.04 18.53
C ALA D 37 -28.52 -33.12 17.32
N THR D 38 -29.53 -32.29 16.99
CA THR D 38 -29.45 -31.33 15.87
C THR D 38 -28.28 -30.35 16.06
N SER D 39 -28.18 -29.75 17.27
CA SER D 39 -27.14 -28.76 17.58
C SER D 39 -25.74 -29.35 17.46
N ARG D 40 -25.53 -30.58 17.99
CA ARG D 40 -24.24 -31.28 17.90
C ARG D 40 -23.87 -31.53 16.44
N LYS D 41 -24.83 -32.05 15.63
CA LYS D 41 -24.65 -32.34 14.21
C LYS D 41 -24.36 -31.08 13.42
N ALA D 42 -25.10 -29.98 13.70
CA ALA D 42 -24.90 -28.68 13.04
C ALA D 42 -23.49 -28.16 13.27
N LEU D 43 -23.01 -28.22 14.53
CA LEU D 43 -21.66 -27.73 14.88
C LEU D 43 -20.59 -28.61 14.21
N GLU D 44 -20.78 -29.94 14.11
CA GLU D 44 -19.82 -30.82 13.43
C GLU D 44 -19.83 -30.52 11.93
N THR D 45 -21.03 -30.31 11.36
CA THR D 45 -21.19 -29.94 9.95
C THR D 45 -20.45 -28.63 9.68
N LEU D 46 -20.63 -27.64 10.57
CA LEU D 46 -20.05 -26.32 10.46
C LEU D 46 -18.51 -26.39 10.57
N ARG D 47 -17.97 -27.26 11.43
CA ARG D 47 -16.51 -27.44 11.50
C ARG D 47 -15.97 -27.93 10.16
N ARG D 48 -16.60 -28.95 9.57
CA ARG D 48 -16.22 -29.54 8.29
C ARG D 48 -16.34 -28.52 7.14
N VAL D 49 -17.54 -27.93 6.95
CA VAL D 49 -17.80 -27.00 5.86
C VAL D 49 -17.03 -25.67 6.06
N GLY D 50 -17.05 -25.11 7.28
CA GLY D 50 -16.37 -23.87 7.65
C GLY D 50 -14.87 -23.92 7.42
N ASP D 51 -14.24 -25.08 7.66
CA ASP D 51 -12.83 -25.27 7.40
C ASP D 51 -12.57 -25.17 5.88
N GLY D 52 -13.36 -25.89 5.09
CA GLY D 52 -13.28 -25.88 3.63
C GLY D 52 -13.56 -24.49 3.06
N VAL D 53 -14.58 -23.78 3.61
CA VAL D 53 -14.92 -22.43 3.19
C VAL D 53 -13.75 -21.45 3.45
N GLN D 54 -13.19 -21.43 4.67
CA GLN D 54 -12.08 -20.51 5.00
C GLN D 54 -10.85 -20.78 4.12
N ARG D 55 -10.57 -22.05 3.80
CA ARG D 55 -9.45 -22.38 2.91
C ARG D 55 -9.75 -21.96 1.45
N ASN D 56 -10.94 -22.33 0.93
CA ASN D 56 -11.36 -22.04 -0.45
C ASN D 56 -11.53 -20.56 -0.76
N HIS D 57 -11.98 -19.76 0.22
CA HIS D 57 -12.18 -18.31 0.07
C HIS D 57 -11.05 -17.53 0.69
N GLU D 58 -9.88 -18.17 0.95
CA GLU D 58 -8.74 -17.53 1.65
C GLU D 58 -8.38 -16.15 1.07
N THR D 59 -8.24 -16.06 -0.25
CA THR D 59 -7.84 -14.80 -0.89
C THR D 59 -8.85 -13.67 -0.61
N ALA D 60 -10.14 -13.89 -0.91
CA ALA D 60 -11.19 -12.88 -0.69
C ALA D 60 -11.35 -12.53 0.79
N PHE D 61 -11.31 -13.54 1.69
CA PHE D 61 -11.41 -13.35 3.15
C PHE D 61 -10.30 -12.43 3.68
N GLN D 62 -9.04 -12.66 3.23
CA GLN D 62 -7.89 -11.83 3.60
C GLN D 62 -8.12 -10.40 3.12
N GLY D 63 -8.62 -10.25 1.89
CA GLY D 63 -8.90 -8.95 1.31
C GLY D 63 -10.00 -8.22 2.05
N MET D 64 -11.12 -8.93 2.30
CA MET D 64 -12.27 -8.37 3.01
C MET D 64 -11.89 -7.96 4.44
N LEU D 65 -11.13 -8.83 5.16
CA LEU D 65 -10.66 -8.54 6.52
C LEU D 65 -9.78 -7.28 6.52
N ARG D 66 -8.82 -7.19 5.58
CA ARG D 66 -7.93 -6.03 5.47
C ARG D 66 -8.73 -4.73 5.22
N LYS D 67 -9.76 -4.78 4.36
CA LYS D 67 -10.56 -3.61 4.02
C LYS D 67 -11.44 -3.15 5.20
N LEU D 68 -11.93 -4.11 6.03
CA LEU D 68 -12.74 -3.75 7.19
C LEU D 68 -11.88 -3.05 8.28
N ASP D 69 -10.55 -3.29 8.26
CA ASP D 69 -9.53 -2.71 9.15
C ASP D 69 -9.99 -2.69 10.64
N ILE D 70 -10.31 -3.87 11.19
CA ILE D 70 -10.78 -4.05 12.58
C ILE D 70 -9.57 -3.95 13.51
N LYS D 71 -9.59 -2.96 14.41
CA LYS D 71 -8.50 -2.71 15.35
C LYS D 71 -8.96 -2.55 16.81
N ASN D 72 -10.29 -2.43 17.04
CA ASN D 72 -10.84 -2.19 18.38
C ASN D 72 -12.31 -2.65 18.51
N GLU D 73 -12.93 -2.35 19.67
CA GLU D 73 -14.30 -2.72 20.06
C GLU D 73 -15.37 -2.05 19.21
N ASP D 74 -15.27 -0.72 18.94
CA ASP D 74 -16.29 -0.02 18.15
C ASP D 74 -16.23 -0.45 16.68
N ASP D 75 -15.05 -0.93 16.20
CA ASP D 75 -14.88 -1.49 14.84
C ASP D 75 -15.73 -2.76 14.72
N VAL D 76 -15.75 -3.59 15.79
CA VAL D 76 -16.54 -4.83 15.87
C VAL D 76 -18.03 -4.49 15.90
N LYS D 77 -18.42 -3.45 16.67
CA LYS D 77 -19.81 -2.99 16.78
C LYS D 77 -20.36 -2.50 15.43
N SER D 78 -19.48 -1.94 14.57
CA SER D 78 -19.87 -1.45 13.25
C SER D 78 -20.13 -2.60 12.27
N LEU D 79 -19.50 -3.78 12.50
CA LEU D 79 -19.68 -4.98 11.66
C LEU D 79 -21.13 -5.41 11.57
N SER D 80 -21.93 -5.19 12.64
CA SER D 80 -23.36 -5.49 12.69
C SER D 80 -24.10 -4.73 11.58
N ARG D 81 -23.83 -3.41 11.44
CA ARG D 81 -24.41 -2.56 10.39
C ARG D 81 -23.95 -3.03 9.01
N VAL D 82 -22.65 -3.34 8.87
CA VAL D 82 -22.07 -3.86 7.62
C VAL D 82 -22.81 -5.16 7.23
N MET D 83 -23.00 -6.09 8.18
CA MET D 83 -23.71 -7.36 7.97
C MET D 83 -25.16 -7.16 7.54
N ILE D 84 -25.92 -6.30 8.26
CA ILE D 84 -27.33 -6.00 7.94
C ILE D 84 -27.42 -5.44 6.51
N HIS D 85 -26.51 -4.50 6.16
CA HIS D 85 -26.45 -3.88 4.83
C HIS D 85 -26.22 -4.91 3.72
N VAL D 86 -25.25 -5.84 3.90
CA VAL D 86 -24.95 -6.85 2.87
C VAL D 86 -26.11 -7.86 2.75
N PHE D 87 -26.74 -8.25 3.87
CA PHE D 87 -27.84 -9.22 3.92
C PHE D 87 -29.23 -8.59 3.64
N SER D 88 -29.32 -7.25 3.51
CA SER D 88 -30.57 -6.55 3.21
C SER D 88 -31.07 -6.81 1.78
N ASP D 89 -30.18 -7.33 0.91
CA ASP D 89 -30.45 -7.59 -0.50
C ASP D 89 -29.83 -8.93 -0.97
N GLY D 90 -30.31 -9.43 -2.11
CA GLY D 90 -29.84 -10.66 -2.73
C GLY D 90 -30.54 -11.92 -2.29
N VAL D 91 -30.26 -13.04 -3.00
CA VAL D 91 -30.85 -14.35 -2.71
C VAL D 91 -30.14 -14.95 -1.49
N THR D 92 -30.94 -15.50 -0.57
CA THR D 92 -30.43 -16.14 0.63
C THR D 92 -30.45 -17.64 0.37
N ASN D 93 -29.32 -18.32 0.66
CA ASN D 93 -29.14 -19.76 0.53
C ASN D 93 -28.15 -20.21 1.62
N TRP D 94 -28.01 -21.53 1.82
CA TRP D 94 -27.14 -22.10 2.84
C TRP D 94 -25.65 -21.79 2.60
N GLY D 95 -25.25 -21.65 1.33
CA GLY D 95 -23.89 -21.27 0.96
C GLY D 95 -23.56 -19.90 1.51
N ARG D 96 -24.48 -18.94 1.30
CA ARG D 96 -24.32 -17.56 1.82
C ARG D 96 -24.31 -17.53 3.37
N ILE D 97 -25.18 -18.31 4.01
CA ILE D 97 -25.27 -18.38 5.47
C ILE D 97 -23.98 -18.97 6.05
N VAL D 98 -23.50 -20.11 5.54
CA VAL D 98 -22.29 -20.73 6.09
C VAL D 98 -21.03 -19.85 5.84
N THR D 99 -20.98 -19.13 4.70
CA THR D 99 -19.83 -18.26 4.34
C THR D 99 -19.84 -17.04 5.27
N LEU D 100 -21.03 -16.52 5.65
CA LEU D 100 -21.18 -15.44 6.65
C LEU D 100 -20.54 -15.87 7.99
N ILE D 101 -20.93 -17.06 8.48
CA ILE D 101 -20.43 -17.66 9.74
C ILE D 101 -18.93 -17.97 9.62
N SER D 102 -18.49 -18.56 8.49
CA SER D 102 -17.07 -18.87 8.25
C SER D 102 -16.23 -17.60 8.25
N PHE D 103 -16.75 -16.49 7.67
CA PHE D 103 -16.00 -15.23 7.70
C PHE D 103 -15.97 -14.67 9.13
N GLY D 104 -17.03 -14.93 9.89
CA GLY D 104 -17.09 -14.54 11.30
C GLY D 104 -16.01 -15.23 12.12
N ALA D 105 -15.76 -16.52 11.83
CA ALA D 105 -14.70 -17.32 12.48
C ALA D 105 -13.32 -16.77 12.06
N PHE D 106 -13.20 -16.37 10.78
CA PHE D 106 -11.98 -15.78 10.20
C PHE D 106 -11.69 -14.44 10.92
N VAL D 107 -12.73 -13.64 11.19
CA VAL D 107 -12.64 -12.37 11.93
C VAL D 107 -12.31 -12.67 13.43
N ALA D 108 -12.93 -13.73 14.01
CA ALA D 108 -12.72 -14.12 15.40
C ALA D 108 -11.24 -14.45 15.67
N LYS D 109 -10.58 -15.14 14.72
CA LYS D 109 -9.14 -15.44 14.82
C LYS D 109 -8.34 -14.14 14.84
N HIS D 110 -8.70 -13.18 13.96
CA HIS D 110 -8.01 -11.89 13.89
C HIS D 110 -8.16 -11.12 15.21
N LEU D 111 -9.37 -11.17 15.82
CA LEU D 111 -9.69 -10.51 17.09
C LEU D 111 -8.81 -11.01 18.22
N LYS D 112 -8.49 -12.33 18.22
CA LYS D 112 -7.61 -12.91 19.25
C LYS D 112 -6.15 -12.41 19.06
N THR D 113 -5.69 -12.33 17.79
CA THR D 113 -4.36 -11.89 17.37
C THR D 113 -4.13 -10.40 17.76
N ILE D 114 -5.20 -9.56 17.76
CA ILE D 114 -5.09 -8.14 18.12
C ILE D 114 -5.57 -7.91 19.59
N ASN D 115 -5.57 -8.98 20.42
CA ASN D 115 -5.92 -8.97 21.86
C ASN D 115 -7.31 -8.32 22.12
N GLN D 116 -8.32 -8.71 21.34
CA GLN D 116 -9.71 -8.24 21.46
C GLN D 116 -10.65 -9.45 21.56
N GLU D 117 -10.21 -10.50 22.29
CA GLU D 117 -10.90 -11.77 22.53
C GLU D 117 -12.32 -11.57 23.10
N SER D 118 -12.52 -10.53 23.96
CA SER D 118 -13.82 -10.22 24.57
C SER D 118 -14.88 -9.81 23.53
N CYS D 119 -14.45 -9.39 22.31
CA CYS D 119 -15.34 -8.98 21.22
C CYS D 119 -15.87 -10.17 20.40
N ILE D 120 -15.40 -11.41 20.65
CA ILE D 120 -15.84 -12.57 19.86
C ILE D 120 -17.31 -12.91 20.15
N GLU D 121 -17.70 -12.95 21.45
CA GLU D 121 -19.06 -13.25 21.88
CA GLU D 121 -19.08 -13.26 21.85
C GLU D 121 -20.05 -12.21 21.30
N PRO D 122 -19.85 -10.85 21.45
CA PRO D 122 -20.80 -9.91 20.82
C PRO D 122 -20.84 -10.08 19.29
N LEU D 123 -19.70 -10.42 18.65
CA LEU D 123 -19.64 -10.65 17.20
C LEU D 123 -20.58 -11.81 16.82
N ALA D 124 -20.48 -12.93 17.56
CA ALA D 124 -21.31 -14.13 17.37
C ALA D 124 -22.80 -13.80 17.55
N GLU D 125 -23.13 -12.94 18.53
CA GLU D 125 -24.50 -12.47 18.82
C GLU D 125 -25.02 -11.63 17.65
N SER D 126 -24.16 -10.77 17.11
CA SER D 126 -24.47 -9.89 15.98
C SER D 126 -24.72 -10.70 14.67
N ILE D 127 -23.95 -11.78 14.42
CA ILE D 127 -24.13 -12.69 13.27
C ILE D 127 -25.47 -13.45 13.45
N THR D 128 -25.72 -13.96 14.70
CA THR D 128 -26.96 -14.67 15.02
C THR D 128 -28.16 -13.72 14.79
N ASP D 129 -28.05 -12.44 15.26
CA ASP D 129 -29.08 -11.41 15.13
C ASP D 129 -29.48 -11.20 13.67
N VAL D 130 -28.51 -10.93 12.79
CA VAL D 130 -28.74 -10.72 11.35
C VAL D 130 -29.49 -11.93 10.76
N LEU D 131 -28.99 -13.13 11.05
CA LEU D 131 -29.51 -14.40 10.56
C LEU D 131 -30.92 -14.73 11.04
N VAL D 132 -31.17 -14.67 12.36
CA VAL D 132 -32.48 -15.04 12.94
C VAL D 132 -33.50 -13.90 12.81
N ARG D 133 -33.10 -12.63 13.00
CA ARG D 133 -34.05 -11.51 12.94
C ARG D 133 -34.46 -11.15 11.52
N THR D 134 -33.54 -11.19 10.54
CA THR D 134 -33.89 -10.78 9.17
C THR D 134 -34.22 -11.97 8.23
N LYS D 135 -33.78 -13.19 8.56
CA LYS D 135 -34.05 -14.34 7.67
C LYS D 135 -34.81 -15.47 8.40
N ARG D 136 -35.58 -15.13 9.45
CA ARG D 136 -36.36 -16.11 10.23
C ARG D 136 -37.27 -16.97 9.35
N ASP D 137 -38.12 -16.33 8.52
CA ASP D 137 -39.04 -17.01 7.60
C ASP D 137 -38.28 -17.96 6.67
N TRP D 138 -37.11 -17.55 6.14
CA TRP D 138 -36.30 -18.40 5.29
C TRP D 138 -35.79 -19.63 6.07
N LEU D 139 -35.22 -19.41 7.28
CA LEU D 139 -34.71 -20.50 8.14
C LEU D 139 -35.81 -21.50 8.52
N VAL D 140 -37.01 -21.00 8.89
CA VAL D 140 -38.17 -21.82 9.28
C VAL D 140 -38.61 -22.69 8.08
N LYS D 141 -38.66 -22.09 6.87
CA LYS D 141 -39.04 -22.78 5.63
C LYS D 141 -38.05 -23.90 5.29
N GLN D 142 -36.75 -23.65 5.51
CA GLN D 142 -35.68 -24.60 5.23
C GLN D 142 -35.43 -25.62 6.38
N ARG D 143 -36.32 -25.68 7.40
CA ARG D 143 -36.30 -26.59 8.56
C ARG D 143 -35.09 -26.33 9.49
N GLY D 144 -34.71 -25.05 9.61
CA GLY D 144 -33.63 -24.59 10.48
C GLY D 144 -32.34 -25.36 10.35
N TRP D 145 -31.75 -25.72 11.49
CA TRP D 145 -30.45 -26.40 11.55
C TRP D 145 -30.51 -27.85 11.05
N ASP D 146 -31.69 -28.51 11.02
CA ASP D 146 -31.81 -29.85 10.44
C ASP D 146 -31.60 -29.76 8.93
N GLY D 147 -32.13 -28.68 8.33
CA GLY D 147 -31.97 -28.36 6.91
C GLY D 147 -30.53 -28.08 6.54
N PHE D 148 -29.81 -27.36 7.41
CA PHE D 148 -28.39 -27.05 7.26
C PHE D 148 -27.57 -28.37 7.22
N VAL D 149 -27.82 -29.28 8.18
CA VAL D 149 -27.14 -30.59 8.30
C VAL D 149 -27.44 -31.43 7.05
N GLU D 150 -28.72 -31.43 6.58
CA GLU D 150 -29.14 -32.18 5.40
C GLU D 150 -28.52 -31.61 4.11
N PHE D 151 -28.52 -30.27 3.94
CA PHE D 151 -27.96 -29.61 2.76
C PHE D 151 -26.48 -29.96 2.57
N PHE D 152 -25.68 -29.97 3.66
CA PHE D 152 -24.25 -30.22 3.55
C PHE D 152 -23.86 -31.67 3.83
N HIS D 153 -24.84 -32.60 3.90
CA HIS D 153 -24.59 -34.03 4.15
C HIS D 153 -23.59 -34.58 3.12
N VAL D 154 -22.57 -35.32 3.59
CA VAL D 154 -21.50 -35.88 2.76
C VAL D 154 -21.99 -37.02 1.86
#